data_1JPA
#
_entry.id   1JPA
#
_cell.length_a   47.052
_cell.length_b   57.616
_cell.length_c   67.742
_cell.angle_alpha   112.95
_cell.angle_beta   103.17
_cell.angle_gamma   91.58
#
_symmetry.space_group_name_H-M   'P 1'
#
loop_
_entity.id
_entity.type
_entity.pdbx_description
1 polymer 'neural kinase, Nuk=Eph/Elk/Eck family receptor-like tyrosine kinase'
2 non-polymer 'PHOSPHOAMINOPHOSPHONIC ACID-ADENYLATE ESTER'
3 water water
#
_entity_poly.entity_id   1
_entity_poly.type   'polypeptide(L)'
_entity_poly.pdbx_seq_one_letter_code
;GHMTPGMKIFIDPFTFEDPNEAVREFAKEIDISCVKIEQVIGAGEFGEVCSGHLKLPGKREIFVAIKTLKSGYTEKQRRD
FLSEASIMGQFDHPNVIHLEGVVTKSTPVMIITEFMENGSLDSFLRQNDGQFTVIQLVGMLRGIAAGMKYLADMNYVHRD
LAARNILVNSNLVCKVSDFGLSRFLEDDTSDPTYTSALGGKIPIRWTAPEAIQYRKFTSASDVWSYGIVMWEVMSYGERP
YWDMTNQDVINAIEQDYRLPPPMDCPSALHQLMLDCWQKDRNHRPKFGQIVNTLDKMIRNPNSLKAMAPLSS
;
_entity_poly.pdbx_strand_id   A,B
#
loop_
_chem_comp.id
_chem_comp.type
_chem_comp.name
_chem_comp.formula
ANP non-polymer 'PHOSPHOAMINOPHOSPHONIC ACID-ADENYLATE ESTER' 'C10 H17 N6 O12 P3'
#
# COMPACT_ATOMS: atom_id res chain seq x y z
N LYS A 8 -14.76 9.77 33.63
CA LYS A 8 -14.64 11.13 33.00
C LYS A 8 -15.59 11.30 31.81
N ILE A 9 -15.63 12.51 31.27
CA ILE A 9 -16.48 12.82 30.13
C ILE A 9 -15.68 13.69 29.15
N PHE A 10 -15.96 13.53 27.85
CA PHE A 10 -15.28 14.30 26.79
C PHE A 10 -15.77 15.74 26.72
N ILE A 11 -14.84 16.67 26.62
CA ILE A 11 -15.16 18.11 26.52
C ILE A 11 -14.70 18.63 25.14
N ASP A 12 -15.64 19.09 24.32
CA ASP A 12 -15.31 19.62 23.00
C ASP A 12 -14.38 20.83 23.21
N PRO A 13 -13.13 20.74 22.73
CA PRO A 13 -12.20 21.85 22.90
C PRO A 13 -12.72 23.15 22.30
N PHE A 14 -13.53 23.05 21.27
CA PHE A 14 -14.05 24.27 20.67
C PHE A 14 -15.16 24.94 21.48
N THR A 15 -15.51 24.38 22.64
CA THR A 15 -16.53 25.04 23.46
C THR A 15 -15.78 26.00 24.37
N PHE A 16 -14.46 25.87 24.41
CA PHE A 16 -13.67 26.77 25.24
C PHE A 16 -13.66 28.16 24.57
N GLU A 17 -13.78 29.20 25.39
CA GLU A 17 -13.76 30.57 24.88
C GLU A 17 -12.45 30.76 24.12
N ASP A 18 -11.40 30.09 24.60
CA ASP A 18 -10.08 30.12 23.99
C ASP A 18 -9.62 28.67 23.78
N PRO A 19 -9.74 28.17 22.55
CA PRO A 19 -9.34 26.81 22.19
C PRO A 19 -7.96 26.40 22.72
N ASN A 20 -7.06 27.36 22.86
CA ASN A 20 -5.72 27.07 23.36
C ASN A 20 -5.74 26.58 24.80
N GLU A 21 -6.80 26.94 25.52
CA GLU A 21 -6.90 26.52 26.90
C GLU A 21 -7.03 25.01 26.95
N ALA A 22 -7.81 24.45 26.02
CA ALA A 22 -7.98 23.01 26.00
C ALA A 22 -6.63 22.34 25.76
N VAL A 23 -5.79 22.96 24.94
CA VAL A 23 -4.49 22.36 24.69
C VAL A 23 -3.64 22.29 25.94
N ARG A 24 -3.54 23.39 26.67
CA ARG A 24 -2.71 23.36 27.87
C ARG A 24 -3.26 22.43 28.93
N GLU A 25 -4.58 22.23 28.95
CA GLU A 25 -5.20 21.36 29.94
C GLU A 25 -5.10 19.88 29.67
N PHE A 26 -5.28 19.46 28.42
CA PHE A 26 -5.25 18.05 28.11
C PHE A 26 -4.00 17.54 27.40
N ALA A 27 -3.08 18.44 27.08
CA ALA A 27 -1.84 18.08 26.38
C ALA A 27 -0.57 18.54 27.09
N LYS A 28 0.38 17.63 27.25
CA LYS A 28 1.65 17.95 27.90
C LYS A 28 2.58 18.69 26.95
N GLU A 29 3.10 19.84 27.38
CA GLU A 29 4.02 20.63 26.57
C GLU A 29 5.38 19.97 26.66
N ILE A 30 5.90 19.53 25.53
CA ILE A 30 7.20 18.87 25.49
C ILE A 30 8.28 19.81 24.93
N ASP A 31 9.40 19.88 25.64
CA ASP A 31 10.49 20.73 25.19
C ASP A 31 11.05 20.12 23.92
N ILE A 32 11.23 20.95 22.89
CA ILE A 32 11.73 20.47 21.61
C ILE A 32 13.05 19.70 21.73
N SER A 33 13.86 20.02 22.72
CA SER A 33 15.13 19.33 22.89
C SER A 33 14.95 17.84 23.23
N CYS A 34 13.70 17.43 23.47
CA CYS A 34 13.40 16.04 23.79
C CYS A 34 12.95 15.29 22.55
N VAL A 35 12.55 16.01 21.51
CA VAL A 35 12.07 15.40 20.28
C VAL A 35 13.14 15.29 19.19
N LYS A 36 13.21 14.13 18.55
CA LYS A 36 14.18 13.92 17.49
C LYS A 36 13.51 13.25 16.30
N ILE A 37 13.28 14.02 15.25
CA ILE A 37 12.66 13.48 14.05
C ILE A 37 13.68 12.67 13.28
N GLU A 38 13.36 11.39 13.02
CA GLU A 38 14.24 10.50 12.29
C GLU A 38 13.90 10.44 10.80
N GLN A 39 12.70 9.97 10.49
CA GLN A 39 12.28 9.86 9.09
C GLN A 39 10.84 10.33 8.88
N VAL A 40 10.51 10.66 7.63
CA VAL A 40 9.17 11.10 7.29
C VAL A 40 8.36 9.90 6.83
N ILE A 41 7.27 9.61 7.53
CA ILE A 41 6.39 8.47 7.21
C ILE A 41 5.45 8.81 6.06
N GLY A 42 4.48 9.68 6.35
CA GLY A 42 3.51 10.07 5.33
C GLY A 42 3.22 11.55 5.34
N ALA A 43 2.14 11.94 4.67
CA ALA A 43 1.74 13.34 4.58
C ALA A 43 0.50 13.58 5.42
N GLY A 44 0.46 14.72 6.11
CA GLY A 44 -0.69 15.03 6.94
C GLY A 44 -1.48 16.19 6.39
N GLU A 45 -2.66 16.42 6.97
CA GLU A 45 -3.53 17.51 6.54
C GLU A 45 -2.91 18.89 6.81
N PHE A 46 -2.09 18.98 7.86
CA PHE A 46 -1.47 20.24 8.24
C PHE A 46 0.05 20.26 8.09
N GLY A 47 0.63 19.14 7.66
CA GLY A 47 2.07 19.05 7.51
C GLY A 47 2.55 17.63 7.28
N GLU A 48 3.77 17.34 7.73
CA GLU A 48 4.37 16.01 7.57
C GLU A 48 4.11 15.08 8.75
N VAL A 49 4.11 13.78 8.46
CA VAL A 49 3.94 12.76 9.49
C VAL A 49 5.27 12.03 9.53
N CYS A 50 5.93 12.09 10.69
CA CYS A 50 7.26 11.47 10.85
C CYS A 50 7.36 10.45 11.98
N SER A 51 8.51 9.80 12.05
CA SER A 51 8.78 8.84 13.11
C SER A 51 10.04 9.37 13.78
N GLY A 52 10.24 8.99 15.03
CA GLY A 52 11.42 9.46 15.73
C GLY A 52 11.53 8.94 17.15
N HIS A 53 12.34 9.61 17.95
CA HIS A 53 12.54 9.21 19.33
C HIS A 53 12.22 10.39 20.24
N LEU A 54 11.70 10.05 21.42
CA LEU A 54 11.35 11.03 22.43
C LEU A 54 12.10 10.64 23.69
N LYS A 55 12.90 11.56 24.20
CA LYS A 55 13.66 11.33 25.41
C LYS A 55 13.14 12.26 26.50
N LEU A 56 12.43 11.70 27.46
CA LEU A 56 11.90 12.50 28.57
C LEU A 56 12.69 12.20 29.84
N ARG A 60 14.28 7.09 29.75
CA ARG A 60 14.22 5.99 28.79
C ARG A 60 13.68 6.47 27.44
N GLU A 61 14.55 6.55 26.44
CA GLU A 61 14.13 7.00 25.12
C GLU A 61 13.13 6.01 24.51
N ILE A 62 12.13 6.55 23.81
CA ILE A 62 11.14 5.68 23.17
C ILE A 62 10.83 6.15 21.76
N PHE A 63 10.36 5.22 20.92
CA PHE A 63 9.99 5.56 19.55
C PHE A 63 8.66 6.31 19.63
N VAL A 64 8.46 7.29 18.75
CA VAL A 64 7.21 8.04 18.74
C VAL A 64 6.85 8.45 17.33
N ALA A 65 5.57 8.76 17.13
CA ALA A 65 5.07 9.24 15.85
C ALA A 65 5.05 10.74 16.08
N ILE A 66 5.45 11.51 15.07
CA ILE A 66 5.54 12.96 15.17
C ILE A 66 4.87 13.67 14.01
N LYS A 67 3.92 14.55 14.33
CA LYS A 67 3.21 15.34 13.32
C LYS A 67 3.71 16.77 13.42
N THR A 68 4.02 17.37 12.28
CA THR A 68 4.50 18.74 12.26
C THR A 68 3.51 19.63 11.53
N LEU A 69 3.51 20.90 11.89
CA LEU A 69 2.63 21.87 11.26
C LEU A 69 3.44 22.66 10.24
N LYS A 70 3.00 22.62 8.98
CA LYS A 70 3.67 23.31 7.89
C LYS A 70 3.87 24.79 8.22
N SER A 71 5.08 25.30 8.00
CA SER A 71 5.41 26.70 8.27
C SER A 71 4.51 27.62 7.44
N GLY A 72 4.19 28.79 7.98
CA GLY A 72 3.33 29.74 7.29
C GLY A 72 1.88 29.42 7.54
N TYR A 73 1.63 28.73 8.64
CA TYR A 73 0.28 28.33 9.03
C TYR A 73 -0.54 29.52 9.55
N THR A 74 -1.84 29.45 9.34
CA THR A 74 -2.73 30.50 9.82
C THR A 74 -3.14 30.14 11.24
N GLU A 75 -3.77 31.08 11.94
CA GLU A 75 -4.22 30.87 13.31
C GLU A 75 -5.16 29.67 13.37
N LYS A 76 -6.09 29.60 12.43
CA LYS A 76 -7.05 28.52 12.35
C LYS A 76 -6.39 27.18 12.05
N GLN A 77 -5.46 27.16 11.12
CA GLN A 77 -4.77 25.90 10.80
C GLN A 77 -4.07 25.35 12.03
N ARG A 78 -3.46 26.23 12.81
CA ARG A 78 -2.76 25.82 14.02
C ARG A 78 -3.78 25.28 15.03
N ARG A 79 -4.91 25.97 15.14
CA ARG A 79 -5.96 25.57 16.07
C ARG A 79 -6.52 24.19 15.72
N ASP A 80 -6.93 24.03 14.47
CA ASP A 80 -7.48 22.76 14.05
C ASP A 80 -6.45 21.63 14.21
N PHE A 81 -5.20 21.90 13.88
CA PHE A 81 -4.15 20.91 14.02
C PHE A 81 -4.03 20.44 15.47
N LEU A 82 -3.88 21.38 16.38
CA LEU A 82 -3.72 21.08 17.80
C LEU A 82 -4.98 20.52 18.46
N SER A 83 -6.14 20.67 17.83
CA SER A 83 -7.35 20.15 18.44
C SER A 83 -7.23 18.63 18.53
N GLU A 84 -6.52 18.02 17.59
CA GLU A 84 -6.35 16.58 17.67
C GLU A 84 -5.75 16.21 19.03
N ALA A 85 -4.80 17.01 19.50
CA ALA A 85 -4.17 16.75 20.79
C ALA A 85 -5.06 17.11 21.96
N SER A 86 -5.82 18.21 21.84
CA SER A 86 -6.70 18.61 22.94
C SER A 86 -7.78 17.56 23.12
N ILE A 87 -8.02 16.78 22.06
CA ILE A 87 -9.01 15.71 22.13
C ILE A 87 -8.36 14.43 22.62
N MET A 88 -7.34 13.95 21.89
CA MET A 88 -6.63 12.73 22.26
C MET A 88 -6.17 12.74 23.73
N GLY A 89 -5.71 13.91 24.19
CA GLY A 89 -5.22 14.03 25.57
C GLY A 89 -6.21 13.78 26.70
N GLN A 90 -7.50 13.73 26.35
CA GLN A 90 -8.54 13.49 27.34
C GLN A 90 -8.81 12.00 27.48
N PHE A 91 -8.25 11.21 26.58
CA PHE A 91 -8.48 9.77 26.57
C PHE A 91 -7.32 8.98 27.13
N ASP A 92 -7.63 7.87 27.79
CA ASP A 92 -6.59 7.03 28.35
C ASP A 92 -7.09 5.59 28.31
N HIS A 93 -6.85 4.92 27.19
CA HIS A 93 -7.30 3.55 27.03
C HIS A 93 -6.33 2.79 26.14
N PRO A 94 -6.09 1.51 26.45
CA PRO A 94 -5.17 0.70 25.66
C PRO A 94 -5.45 0.70 24.15
N ASN A 95 -6.71 0.86 23.76
CA ASN A 95 -7.04 0.84 22.34
C ASN A 95 -7.37 2.18 21.71
N VAL A 96 -6.85 3.24 22.32
CA VAL A 96 -7.01 4.59 21.80
C VAL A 96 -5.58 5.11 21.78
N ILE A 97 -5.16 5.66 20.65
CA ILE A 97 -3.80 6.16 20.49
C ILE A 97 -3.39 7.07 21.65
N HIS A 98 -2.22 6.81 22.21
CA HIS A 98 -1.72 7.59 23.33
C HIS A 98 -1.01 8.86 22.89
N LEU A 99 -1.35 9.97 23.53
CA LEU A 99 -0.69 11.24 23.23
C LEU A 99 0.44 11.41 24.22
N GLU A 100 1.64 11.69 23.71
CA GLU A 100 2.77 11.91 24.60
C GLU A 100 2.71 13.38 24.97
N GLY A 101 2.49 14.22 23.96
CA GLY A 101 2.41 15.65 24.20
C GLY A 101 2.53 16.45 22.91
N VAL A 102 2.72 17.76 23.06
CA VAL A 102 2.83 18.65 21.93
C VAL A 102 3.97 19.63 22.13
N VAL A 103 4.42 20.22 21.03
CA VAL A 103 5.46 21.22 21.06
C VAL A 103 4.78 22.43 20.43
N THR A 104 4.56 23.49 21.20
CA THR A 104 3.91 24.68 20.68
C THR A 104 4.74 25.94 20.96
N LYS A 105 5.64 25.87 21.93
CA LYS A 105 6.48 27.02 22.28
C LYS A 105 7.76 27.04 21.46
N SER A 106 7.76 26.32 20.35
CA SER A 106 8.91 26.25 19.47
C SER A 106 8.45 25.90 18.06
N THR A 107 9.34 26.09 17.10
CA THR A 107 9.05 25.80 15.69
C THR A 107 9.88 24.60 15.24
N PRO A 108 9.26 23.67 14.51
CA PRO A 108 7.84 23.69 14.14
C PRO A 108 6.94 23.11 15.22
N VAL A 109 5.68 23.53 15.22
CA VAL A 109 4.70 23.02 16.19
C VAL A 109 4.51 21.54 15.90
N MET A 110 4.44 20.73 16.94
CA MET A 110 4.30 19.29 16.78
C MET A 110 3.35 18.60 17.77
N ILE A 111 2.90 17.42 17.37
CA ILE A 111 2.05 16.58 18.18
C ILE A 111 2.80 15.27 18.19
N ILE A 112 3.08 14.75 19.38
CA ILE A 112 3.84 13.53 19.53
C ILE A 112 2.93 12.44 20.09
N THR A 113 2.83 11.31 19.39
CA THR A 113 1.98 10.20 19.83
C THR A 113 2.76 8.88 19.89
N GLU A 114 2.18 7.83 20.48
CA GLU A 114 2.89 6.55 20.56
C GLU A 114 3.14 6.03 19.15
N PHE A 115 4.27 5.35 18.98
CA PHE A 115 4.62 4.83 17.67
C PHE A 115 3.92 3.50 17.43
N MET A 116 3.35 3.33 16.24
CA MET A 116 2.65 2.12 15.85
C MET A 116 3.36 1.54 14.61
N GLU A 117 4.24 0.57 14.85
CA GLU A 117 5.05 -0.01 13.79
C GLU A 117 4.30 -0.52 12.58
N ASN A 118 3.15 -1.13 12.78
CA ASN A 118 2.42 -1.64 11.64
C ASN A 118 1.52 -0.65 10.93
N GLY A 119 1.53 0.59 11.39
CA GLY A 119 0.76 1.61 10.74
C GLY A 119 -0.74 1.41 10.65
N SER A 120 -1.31 1.91 9.56
CA SER A 120 -2.73 1.82 9.33
C SER A 120 -3.20 0.40 9.07
N LEU A 121 -4.28 0.05 9.76
CA LEU A 121 -4.86 -1.27 9.69
C LEU A 121 -5.27 -1.72 8.30
N ASP A 122 -5.89 -0.84 7.51
CA ASP A 122 -6.29 -1.28 6.18
C ASP A 122 -5.06 -1.66 5.35
N SER A 123 -4.05 -0.81 5.32
CA SER A 123 -2.81 -1.09 4.56
C SER A 123 -2.07 -2.31 5.10
N PHE A 124 -2.03 -2.41 6.43
CA PHE A 124 -1.36 -3.52 7.10
C PHE A 124 -1.94 -4.85 6.68
N LEU A 125 -3.26 -4.90 6.65
CA LEU A 125 -3.96 -6.13 6.28
C LEU A 125 -3.75 -6.45 4.81
N ARG A 126 -3.71 -5.43 3.96
CA ARG A 126 -3.51 -5.71 2.55
C ARG A 126 -2.13 -6.31 2.29
N GLN A 127 -1.14 -5.83 3.04
CA GLN A 127 0.22 -6.32 2.89
C GLN A 127 0.43 -7.67 3.56
N ASN A 128 -0.61 -8.14 4.25
CA ASN A 128 -0.53 -9.41 4.96
C ASN A 128 -1.80 -10.20 4.71
N ASP A 129 -2.24 -10.20 3.46
CA ASP A 129 -3.44 -10.89 3.07
C ASP A 129 -3.41 -12.37 3.46
N GLY A 130 -4.45 -12.78 4.18
CA GLY A 130 -4.60 -14.15 4.65
C GLY A 130 -3.53 -14.63 5.59
N GLN A 131 -2.74 -13.71 6.15
CA GLN A 131 -1.65 -14.12 7.02
C GLN A 131 -1.95 -14.36 8.48
N PHE A 132 -3.15 -14.00 8.93
CA PHE A 132 -3.47 -14.19 10.34
C PHE A 132 -4.47 -15.28 10.65
N THR A 133 -4.46 -15.76 11.89
CA THR A 133 -5.42 -16.78 12.29
C THR A 133 -6.72 -16.04 12.56
N VAL A 134 -7.83 -16.78 12.62
CA VAL A 134 -9.14 -16.20 12.88
C VAL A 134 -9.16 -15.57 14.28
N ILE A 135 -8.54 -16.25 15.24
CA ILE A 135 -8.49 -15.73 16.60
C ILE A 135 -7.69 -14.44 16.66
N GLN A 136 -6.68 -14.29 15.80
CA GLN A 136 -5.91 -13.04 15.80
C GLN A 136 -6.75 -11.89 15.25
N LEU A 137 -7.47 -12.15 14.16
CA LEU A 137 -8.31 -11.12 13.55
C LEU A 137 -9.41 -10.72 14.51
N VAL A 138 -10.00 -11.72 15.19
CA VAL A 138 -11.06 -11.42 16.13
C VAL A 138 -10.48 -10.56 17.24
N GLY A 139 -9.23 -10.83 17.60
CA GLY A 139 -8.55 -10.08 18.64
C GLY A 139 -8.37 -8.62 18.27
N MET A 140 -8.17 -8.37 16.97
CA MET A 140 -8.01 -7.01 16.48
C MET A 140 -9.36 -6.28 16.56
N LEU A 141 -10.41 -6.98 16.17
CA LEU A 141 -11.75 -6.41 16.18
C LEU A 141 -12.20 -6.13 17.62
N ARG A 142 -11.76 -6.98 18.54
CA ARG A 142 -12.08 -6.85 19.98
C ARG A 142 -11.44 -5.58 20.52
N GLY A 143 -10.16 -5.40 20.21
CA GLY A 143 -9.44 -4.22 20.65
C GLY A 143 -10.08 -2.95 20.13
N ILE A 144 -10.51 -2.95 18.87
CA ILE A 144 -11.13 -1.78 18.27
C ILE A 144 -12.48 -1.48 18.96
N ALA A 145 -13.28 -2.51 19.20
CA ALA A 145 -14.59 -2.32 19.85
C ALA A 145 -14.39 -1.81 21.27
N ALA A 146 -13.33 -2.27 21.91
CA ALA A 146 -13.03 -1.85 23.27
C ALA A 146 -12.66 -0.37 23.27
N GLY A 147 -11.82 0.03 22.32
CA GLY A 147 -11.44 1.44 22.24
C GLY A 147 -12.68 2.28 21.98
N MET A 148 -13.56 1.80 21.12
CA MET A 148 -14.76 2.54 20.77
C MET A 148 -15.79 2.57 21.91
N LYS A 149 -15.86 1.49 22.67
CA LYS A 149 -16.78 1.42 23.80
C LYS A 149 -16.35 2.52 24.77
N TYR A 150 -15.05 2.62 24.99
CA TYR A 150 -14.49 3.63 25.88
C TYR A 150 -14.83 5.05 25.37
N LEU A 151 -14.64 5.33 24.09
CA LEU A 151 -14.95 6.65 23.53
C LEU A 151 -16.46 6.94 23.67
N ALA A 152 -17.29 5.96 23.33
CA ALA A 152 -18.73 6.11 23.44
C ALA A 152 -19.09 6.41 24.89
N ASP A 153 -18.45 5.74 25.84
CA ASP A 153 -18.70 5.97 27.26
C ASP A 153 -18.35 7.41 27.67
N MET A 154 -17.36 7.98 26.97
CA MET A 154 -16.87 9.34 27.22
C MET A 154 -17.76 10.34 26.50
N ASN A 155 -18.74 9.80 25.78
CA ASN A 155 -19.66 10.61 25.01
C ASN A 155 -18.95 11.25 23.81
N TYR A 156 -17.99 10.53 23.24
CA TYR A 156 -17.26 11.03 22.07
C TYR A 156 -17.73 10.22 20.86
N VAL A 157 -18.30 10.89 19.88
CA VAL A 157 -18.76 10.25 18.64
C VAL A 157 -17.63 10.47 17.65
N HIS A 158 -17.02 9.40 17.16
CA HIS A 158 -15.90 9.50 16.23
C HIS A 158 -16.24 10.08 14.86
N ARG A 159 -17.33 9.57 14.28
CA ARG A 159 -17.81 10.01 12.97
C ARG A 159 -17.04 9.49 11.75
N ASP A 160 -15.81 9.02 11.92
CA ASP A 160 -15.03 8.55 10.77
C ASP A 160 -14.30 7.23 11.11
N LEU A 161 -15.01 6.31 11.75
CA LEU A 161 -14.44 5.03 12.11
C LEU A 161 -14.29 4.19 10.84
N ALA A 162 -13.04 3.78 10.58
CA ALA A 162 -12.69 3.01 9.40
C ALA A 162 -11.29 2.44 9.62
N ALA A 163 -10.98 1.29 9.03
CA ALA A 163 -9.68 0.66 9.22
C ALA A 163 -8.50 1.60 8.94
N ARG A 164 -8.65 2.52 7.99
CA ARG A 164 -7.58 3.46 7.67
C ARG A 164 -7.34 4.39 8.86
N ASN A 165 -8.30 4.44 9.76
CA ASN A 165 -8.18 5.29 10.94
C ASN A 165 -7.86 4.52 12.22
N ILE A 166 -7.48 3.26 12.05
CA ILE A 166 -7.07 2.42 13.17
C ILE A 166 -5.56 2.15 12.98
N LEU A 167 -4.76 2.29 14.03
CA LEU A 167 -3.32 2.02 13.91
C LEU A 167 -2.99 0.68 14.55
N VAL A 168 -1.92 0.03 14.07
CA VAL A 168 -1.54 -1.28 14.56
C VAL A 168 -0.10 -1.31 15.07
N ASN A 169 0.12 -1.86 16.27
CA ASN A 169 1.47 -1.92 16.80
C ASN A 169 2.14 -3.26 16.51
N SER A 170 3.39 -3.41 16.92
CA SER A 170 4.13 -4.64 16.63
C SER A 170 3.49 -5.89 17.24
N ASN A 171 2.69 -5.72 18.28
CA ASN A 171 2.04 -6.86 18.89
C ASN A 171 0.63 -7.06 18.34
N LEU A 172 0.34 -6.39 17.23
CA LEU A 172 -0.96 -6.49 16.57
C LEU A 172 -2.10 -5.81 17.34
N VAL A 173 -1.76 -5.04 18.38
CA VAL A 173 -2.78 -4.32 19.13
C VAL A 173 -3.30 -3.20 18.23
N CYS A 174 -4.62 -3.12 18.08
CA CYS A 174 -5.25 -2.10 17.26
C CYS A 174 -5.76 -0.92 18.10
N LYS A 175 -5.47 0.31 17.64
CA LYS A 175 -5.89 1.49 18.40
C LYS A 175 -6.61 2.53 17.55
N VAL A 176 -7.71 3.06 18.09
CA VAL A 176 -8.48 4.06 17.37
C VAL A 176 -7.68 5.37 17.29
N SER A 177 -7.66 6.00 16.11
CA SER A 177 -6.95 7.25 15.89
C SER A 177 -7.85 8.22 15.10
N ASP A 178 -7.25 9.27 14.52
CA ASP A 178 -8.00 10.23 13.69
C ASP A 178 -8.99 11.09 14.50
N PHE A 179 -8.47 11.80 15.48
CA PHE A 179 -9.28 12.67 16.33
C PHE A 179 -9.30 14.12 15.87
N PRO A 203 -15.83 8.36 2.73
CA PRO A 203 -16.41 7.93 4.00
C PRO A 203 -17.90 7.57 3.91
N ILE A 204 -18.55 7.94 2.81
CA ILE A 204 -19.97 7.64 2.62
C ILE A 204 -20.30 6.17 2.90
N ARG A 205 -19.54 5.25 2.31
CA ARG A 205 -19.79 3.82 2.49
C ARG A 205 -19.41 3.31 3.89
N TRP A 206 -18.98 4.22 4.75
CA TRP A 206 -18.60 3.88 6.12
C TRP A 206 -19.60 4.51 7.09
N THR A 207 -20.44 5.37 6.54
CA THR A 207 -21.39 6.11 7.35
C THR A 207 -22.81 5.56 7.32
N ALA A 208 -23.47 5.64 8.47
CA ALA A 208 -24.84 5.16 8.61
C ALA A 208 -25.79 5.99 7.77
N PRO A 209 -26.90 5.37 7.30
CA PRO A 209 -27.88 6.09 6.49
C PRO A 209 -28.44 7.36 7.18
N GLU A 210 -28.84 7.23 8.43
CA GLU A 210 -29.41 8.37 9.16
C GLU A 210 -28.39 9.50 9.29
N ALA A 211 -27.12 9.12 9.40
CA ALA A 211 -26.05 10.10 9.52
C ALA A 211 -25.83 10.85 8.21
N ILE A 212 -26.07 10.17 7.09
CA ILE A 212 -25.89 10.80 5.79
C ILE A 212 -27.08 11.70 5.46
N GLN A 213 -28.27 11.22 5.79
CA GLN A 213 -29.50 11.95 5.50
C GLN A 213 -29.80 13.12 6.44
N TYR A 214 -29.89 12.84 7.73
CA TYR A 214 -30.19 13.89 8.71
C TYR A 214 -28.95 14.36 9.48
N ARG A 215 -27.78 13.97 9.01
CA ARG A 215 -26.52 14.36 9.66
C ARG A 215 -26.54 14.06 11.17
N LYS A 216 -27.25 13.01 11.55
CA LYS A 216 -27.35 12.63 12.96
C LYS A 216 -26.23 11.65 13.33
N PHE A 217 -25.13 12.18 13.86
CA PHE A 217 -24.01 11.33 14.25
C PHE A 217 -24.10 10.98 15.73
N THR A 218 -24.10 9.68 16.02
CA THR A 218 -24.18 9.16 17.38
C THR A 218 -23.27 7.94 17.51
N SER A 219 -23.19 7.37 18.71
CA SER A 219 -22.36 6.18 18.88
C SER A 219 -22.98 5.05 18.08
N ALA A 220 -24.30 5.09 17.88
CA ALA A 220 -25.00 4.05 17.13
C ALA A 220 -24.60 4.20 15.68
N SER A 221 -24.27 5.43 15.30
CA SER A 221 -23.81 5.71 13.96
C SER A 221 -22.39 5.12 13.82
N ASP A 222 -21.58 5.26 14.87
CA ASP A 222 -20.22 4.72 14.86
C ASP A 222 -20.28 3.19 14.80
N VAL A 223 -21.36 2.62 15.30
CA VAL A 223 -21.49 1.18 15.31
C VAL A 223 -21.69 0.65 13.89
N TRP A 224 -22.40 1.41 13.07
CA TRP A 224 -22.60 0.99 11.68
C TRP A 224 -21.22 0.98 11.02
N SER A 225 -20.44 2.03 11.31
CA SER A 225 -19.09 2.19 10.77
C SER A 225 -18.24 1.01 11.25
N TYR A 226 -18.37 0.67 12.53
CA TYR A 226 -17.61 -0.43 13.10
C TYR A 226 -17.92 -1.73 12.32
N GLY A 227 -19.16 -1.87 11.87
CA GLY A 227 -19.52 -3.05 11.11
C GLY A 227 -18.74 -3.08 9.81
N ILE A 228 -18.63 -1.93 9.17
CA ILE A 228 -17.88 -1.86 7.92
C ILE A 228 -16.44 -2.24 8.22
N VAL A 229 -15.91 -1.79 9.36
CA VAL A 229 -14.53 -2.09 9.74
C VAL A 229 -14.34 -3.60 9.90
N MET A 230 -15.34 -4.25 10.46
CA MET A 230 -15.30 -5.69 10.62
C MET A 230 -15.17 -6.32 9.26
N TRP A 231 -15.86 -5.77 8.28
CA TRP A 231 -15.79 -6.31 6.94
C TRP A 231 -14.38 -6.09 6.38
N GLU A 232 -13.86 -4.87 6.52
CA GLU A 232 -12.51 -4.58 6.02
C GLU A 232 -11.49 -5.55 6.59
N VAL A 233 -11.59 -5.79 7.90
CA VAL A 233 -10.69 -6.69 8.59
C VAL A 233 -10.81 -8.13 8.12
N MET A 234 -12.03 -8.63 7.97
CA MET A 234 -12.18 -10.02 7.55
C MET A 234 -11.89 -10.18 6.06
N SER A 235 -11.93 -9.08 5.33
CA SER A 235 -11.65 -9.05 3.89
C SER A 235 -10.20 -8.70 3.61
N TYR A 236 -9.42 -8.53 4.68
CA TYR A 236 -8.03 -8.12 4.60
C TYR A 236 -7.81 -6.81 3.82
N GLY A 237 -8.59 -5.79 4.17
CA GLY A 237 -8.41 -4.50 3.54
C GLY A 237 -9.09 -4.23 2.22
N GLU A 238 -10.04 -5.08 1.86
CA GLU A 238 -10.76 -4.87 0.62
C GLU A 238 -11.58 -3.60 0.78
N ARG A 239 -11.91 -2.97 -0.34
CA ARG A 239 -12.72 -1.75 -0.31
C ARG A 239 -14.19 -2.10 -0.15
N PRO A 240 -14.85 -1.51 0.85
CA PRO A 240 -16.27 -1.77 1.08
C PRO A 240 -17.10 -1.46 -0.16
N TYR A 241 -17.90 -2.45 -0.57
CA TYR A 241 -18.78 -2.34 -1.73
C TYR A 241 -17.97 -2.30 -3.04
N TRP A 242 -16.71 -2.68 -2.95
CA TRP A 242 -15.81 -2.74 -4.10
C TRP A 242 -15.86 -1.50 -4.99
N ASP A 243 -16.09 -1.70 -6.28
CA ASP A 243 -16.14 -0.61 -7.26
C ASP A 243 -17.44 0.18 -7.28
N MET A 244 -18.37 -0.16 -6.40
CA MET A 244 -19.64 0.56 -6.35
C MET A 244 -19.42 2.04 -6.11
N THR A 245 -20.28 2.86 -6.70
CA THR A 245 -20.21 4.30 -6.53
C THR A 245 -20.96 4.64 -5.24
N ASN A 246 -20.76 5.84 -4.71
CA ASN A 246 -21.44 6.24 -3.46
C ASN A 246 -22.95 6.14 -3.62
N GLN A 247 -23.48 6.66 -4.72
CA GLN A 247 -24.91 6.61 -4.96
C GLN A 247 -25.39 5.17 -5.02
N ASP A 248 -24.63 4.30 -5.65
CA ASP A 248 -25.02 2.90 -5.72
C ASP A 248 -25.08 2.31 -4.32
N VAL A 249 -24.07 2.63 -3.50
CA VAL A 249 -24.03 2.15 -2.13
C VAL A 249 -25.27 2.61 -1.38
N ILE A 250 -25.56 3.91 -1.48
CA ILE A 250 -26.72 4.49 -0.83
C ILE A 250 -27.99 3.78 -1.27
N ASN A 251 -28.16 3.64 -2.58
CA ASN A 251 -29.35 2.98 -3.11
C ASN A 251 -29.38 1.52 -2.69
N ALA A 252 -28.22 0.88 -2.73
CA ALA A 252 -28.13 -0.52 -2.33
C ALA A 252 -28.63 -0.69 -0.91
N ILE A 253 -28.10 0.11 0.02
CA ILE A 253 -28.51 0.04 1.41
C ILE A 253 -30.01 0.29 1.54
N GLU A 254 -30.51 1.26 0.77
CA GLU A 254 -31.93 1.60 0.80
C GLU A 254 -32.77 0.39 0.38
N GLN A 255 -32.27 -0.37 -0.58
CA GLN A 255 -32.96 -1.56 -1.07
C GLN A 255 -32.70 -2.74 -0.12
N ASP A 256 -32.27 -2.43 1.10
CA ASP A 256 -31.98 -3.43 2.11
C ASP A 256 -30.82 -4.37 1.74
N TYR A 257 -29.87 -3.86 0.96
CA TYR A 257 -28.71 -4.65 0.57
C TYR A 257 -27.62 -4.57 1.63
N ARG A 258 -26.97 -5.69 1.90
CA ARG A 258 -25.90 -5.70 2.89
C ARG A 258 -24.71 -6.52 2.36
N LEU A 259 -23.51 -6.04 2.62
CA LEU A 259 -22.30 -6.72 2.18
C LEU A 259 -22.28 -8.18 2.61
N PRO A 260 -21.89 -9.08 1.69
CA PRO A 260 -21.84 -10.51 1.96
C PRO A 260 -20.64 -10.84 2.85
N PRO A 261 -20.61 -12.06 3.42
CA PRO A 261 -19.51 -12.45 4.29
C PRO A 261 -18.20 -12.65 3.52
N PRO A 262 -17.09 -12.06 4.01
CA PRO A 262 -15.79 -12.20 3.36
C PRO A 262 -15.39 -13.68 3.26
N MET A 263 -14.52 -14.01 2.32
CA MET A 263 -14.07 -15.39 2.13
C MET A 263 -13.52 -15.97 3.44
N ASP A 264 -13.99 -17.15 3.78
CA ASP A 264 -13.56 -17.85 4.99
C ASP A 264 -13.95 -17.10 6.27
N CYS A 265 -14.93 -16.21 6.18
CA CYS A 265 -15.35 -15.45 7.35
C CYS A 265 -16.41 -16.18 8.17
N PRO A 266 -16.12 -16.48 9.44
CA PRO A 266 -17.08 -17.17 10.30
C PRO A 266 -18.48 -16.58 10.22
N SER A 267 -19.50 -17.44 10.22
CA SER A 267 -20.88 -16.96 10.15
C SER A 267 -21.23 -16.04 11.30
N ALA A 268 -20.79 -16.39 12.51
CA ALA A 268 -21.09 -15.58 13.67
C ALA A 268 -20.57 -14.15 13.47
N LEU A 269 -19.39 -14.01 12.88
CA LEU A 269 -18.84 -12.68 12.65
C LEU A 269 -19.66 -11.87 11.66
N HIS A 270 -20.10 -12.51 10.58
CA HIS A 270 -20.90 -11.79 9.61
C HIS A 270 -22.24 -11.45 10.21
N GLN A 271 -22.73 -12.29 11.12
CA GLN A 271 -24.02 -11.99 11.73
C GLN A 271 -23.86 -10.72 12.54
N LEU A 272 -22.74 -10.61 13.25
CA LEU A 272 -22.49 -9.42 14.05
C LEU A 272 -22.44 -8.19 13.12
N MET A 273 -21.90 -8.38 11.92
CA MET A 273 -21.82 -7.29 10.96
C MET A 273 -23.23 -6.81 10.60
N LEU A 274 -24.10 -7.77 10.29
CA LEU A 274 -25.49 -7.46 9.94
C LEU A 274 -26.19 -6.73 11.08
N ASP A 275 -25.86 -7.08 12.31
CA ASP A 275 -26.47 -6.45 13.47
C ASP A 275 -26.05 -5.00 13.54
N CYS A 276 -24.80 -4.73 13.16
CA CYS A 276 -24.28 -3.37 13.17
C CYS A 276 -24.91 -2.55 12.05
N TRP A 277 -25.35 -3.22 11.00
CA TRP A 277 -25.95 -2.49 9.86
C TRP A 277 -27.47 -2.46 9.86
N GLN A 278 -28.06 -2.55 11.06
CA GLN A 278 -29.52 -2.48 11.18
C GLN A 278 -29.98 -1.09 10.78
N LYS A 279 -30.94 -1.05 9.87
CA LYS A 279 -31.49 0.21 9.38
C LYS A 279 -31.81 1.13 10.56
N ASP A 280 -32.56 0.61 11.53
CA ASP A 280 -32.93 1.39 12.72
C ASP A 280 -31.73 1.44 13.66
N ARG A 281 -31.19 2.63 13.89
CA ARG A 281 -30.02 2.78 14.76
C ARG A 281 -30.26 2.25 16.17
N ASN A 282 -31.51 2.26 16.61
CA ASN A 282 -31.85 1.79 17.95
C ASN A 282 -31.73 0.27 18.06
N HIS A 283 -31.83 -0.41 16.93
CA HIS A 283 -31.75 -1.88 16.89
C HIS A 283 -30.30 -2.37 16.87
N ARG A 284 -29.36 -1.49 16.52
CA ARG A 284 -27.96 -1.89 16.48
C ARG A 284 -27.42 -2.14 17.88
N PRO A 285 -26.51 -3.10 18.01
CA PRO A 285 -25.93 -3.40 19.31
C PRO A 285 -25.01 -2.26 19.73
N LYS A 286 -24.78 -2.14 21.03
CA LYS A 286 -23.90 -1.10 21.54
C LYS A 286 -22.49 -1.68 21.58
N PHE A 287 -21.49 -0.81 21.67
CA PHE A 287 -20.12 -1.28 21.72
C PHE A 287 -19.88 -2.22 22.88
N GLY A 288 -20.59 -2.03 23.99
CA GLY A 288 -20.39 -2.91 25.12
C GLY A 288 -20.88 -4.31 24.77
N GLN A 289 -21.98 -4.38 24.05
CA GLN A 289 -22.54 -5.66 23.66
C GLN A 289 -21.64 -6.28 22.58
N ILE A 290 -21.04 -5.45 21.75
CA ILE A 290 -20.16 -5.94 20.69
C ILE A 290 -18.94 -6.60 21.32
N VAL A 291 -18.35 -5.93 22.31
CA VAL A 291 -17.19 -6.51 22.96
C VAL A 291 -17.53 -7.85 23.61
N ASN A 292 -18.74 -7.97 24.16
CA ASN A 292 -19.13 -9.21 24.83
C ASN A 292 -19.26 -10.37 23.85
N THR A 293 -19.85 -10.08 22.69
CA THR A 293 -20.05 -11.05 21.64
C THR A 293 -18.70 -11.53 21.11
N LEU A 294 -17.76 -10.61 20.93
CA LEU A 294 -16.44 -10.97 20.44
C LEU A 294 -15.71 -11.79 21.50
N ASP A 295 -15.86 -11.39 22.76
CA ASP A 295 -15.21 -12.13 23.84
C ASP A 295 -15.78 -13.55 23.94
N LYS A 296 -17.08 -13.71 23.73
CA LYS A 296 -17.66 -15.06 23.80
C LYS A 296 -17.08 -15.92 22.70
N MET A 297 -16.86 -15.33 21.53
CA MET A 297 -16.27 -16.07 20.40
C MET A 297 -14.86 -16.51 20.76
N ILE A 298 -14.08 -15.61 21.37
CA ILE A 298 -12.73 -15.96 21.76
C ILE A 298 -12.73 -17.06 22.81
N ARG A 299 -13.68 -17.01 23.73
CA ARG A 299 -13.78 -18.01 24.79
C ARG A 299 -14.30 -19.35 24.23
N ASN A 300 -15.11 -19.28 23.19
CA ASN A 300 -15.66 -20.49 22.57
C ASN A 300 -15.33 -20.55 21.10
N PRO A 301 -14.03 -20.70 20.77
CA PRO A 301 -13.50 -20.76 19.40
C PRO A 301 -14.33 -21.60 18.42
N ASN A 302 -14.99 -22.64 18.91
CA ASN A 302 -15.78 -23.45 18.00
C ASN A 302 -16.90 -22.65 17.34
N SER A 303 -17.37 -21.61 18.01
CA SER A 303 -18.44 -20.79 17.45
C SER A 303 -18.02 -20.13 16.15
N LEU A 304 -16.70 -20.12 15.90
CA LEU A 304 -16.15 -19.51 14.70
C LEU A 304 -15.92 -20.55 13.60
N LYS A 305 -16.22 -21.81 13.92
CA LYS A 305 -16.04 -22.89 12.96
C LYS A 305 -17.04 -22.77 11.83
N ALA A 306 -18.24 -22.29 12.14
CA ALA A 306 -19.28 -22.12 11.14
C ALA A 306 -18.90 -21.05 10.11
N LYS B 8 7.35 0.67 4.36
CA LYS B 8 7.26 2.11 3.99
C LYS B 8 6.24 2.27 2.88
N ILE B 9 6.04 3.51 2.41
CA ILE B 9 5.09 3.75 1.33
C ILE B 9 5.73 4.55 0.19
N PHE B 10 5.33 4.24 -1.05
CA PHE B 10 5.86 4.94 -2.21
C PHE B 10 5.32 6.35 -2.31
N ILE B 11 6.19 7.30 -2.61
CA ILE B 11 5.77 8.69 -2.76
C ILE B 11 6.10 9.17 -4.17
N ASP B 12 5.08 9.56 -4.93
CA ASP B 12 5.27 10.04 -6.29
C ASP B 12 6.18 11.27 -6.28
N PRO B 13 7.31 11.21 -6.99
CA PRO B 13 8.23 12.35 -7.03
C PRO B 13 7.61 13.65 -7.52
N PHE B 14 6.62 13.54 -8.42
CA PHE B 14 5.97 14.72 -8.95
C PHE B 14 4.93 15.32 -8.01
N THR B 15 4.93 14.86 -6.76
CA THR B 15 3.99 15.42 -5.79
C THR B 15 4.77 16.43 -4.98
N PHE B 16 6.09 16.42 -5.15
CA PHE B 16 6.97 17.35 -4.46
C PHE B 16 6.88 18.74 -5.09
N GLU B 17 7.00 19.77 -4.24
CA GLU B 17 6.96 21.15 -4.72
C GLU B 17 8.09 21.27 -5.73
N ASP B 18 9.20 20.61 -5.41
CA ASP B 18 10.40 20.59 -6.24
C ASP B 18 10.88 19.16 -6.49
N PRO B 19 10.49 18.56 -7.62
CA PRO B 19 10.90 17.18 -7.96
C PRO B 19 12.37 16.92 -7.68
N ASN B 20 13.20 17.94 -7.82
CA ASN B 20 14.62 17.77 -7.57
C ASN B 20 14.91 17.41 -6.13
N GLU B 21 13.98 17.71 -5.24
CA GLU B 21 14.18 17.38 -3.83
C GLU B 21 14.00 15.89 -3.63
N ALA B 22 13.17 15.27 -4.46
CA ALA B 22 12.94 13.83 -4.34
C ALA B 22 14.23 13.09 -4.72
N VAL B 23 14.89 13.56 -5.77
CA VAL B 23 16.15 12.98 -6.24
C VAL B 23 17.17 13.03 -5.11
N ARG B 24 17.36 14.21 -4.56
CA ARG B 24 18.33 14.40 -3.49
C ARG B 24 17.98 13.57 -2.26
N GLU B 25 16.69 13.33 -2.07
CA GLU B 25 16.20 12.55 -0.93
C GLU B 25 16.37 11.04 -1.10
N PHE B 26 16.03 10.56 -2.29
CA PHE B 26 16.07 9.12 -2.57
C PHE B 26 17.26 8.62 -3.38
N ALA B 27 17.91 9.52 -4.11
CA ALA B 27 19.05 9.15 -4.94
C ALA B 27 20.35 9.68 -4.34
N LYS B 28 21.39 8.84 -4.35
CA LYS B 28 22.68 9.23 -3.83
C LYS B 28 23.49 9.92 -4.92
N GLU B 29 24.17 11.00 -4.56
CA GLU B 29 24.98 11.74 -5.52
C GLU B 29 26.35 11.09 -5.62
N ILE B 30 26.78 10.80 -6.84
CA ILE B 30 28.08 10.18 -7.06
C ILE B 30 28.96 11.07 -7.93
N ASP B 31 30.23 11.21 -7.52
CA ASP B 31 31.19 12.02 -8.26
C ASP B 31 31.73 11.26 -9.47
N ILE B 32 31.90 11.98 -10.58
CA ILE B 32 32.41 11.37 -11.81
C ILE B 32 33.70 10.58 -11.60
N SER B 33 34.50 10.98 -10.62
CA SER B 33 35.75 10.29 -10.34
C SER B 33 35.52 8.83 -9.92
N CYS B 34 34.27 8.49 -9.66
CA CYS B 34 33.90 7.12 -9.25
C CYS B 34 33.30 6.33 -10.40
N VAL B 35 32.71 7.04 -11.35
CA VAL B 35 32.08 6.41 -12.51
C VAL B 35 33.10 6.16 -13.62
N LYS B 36 32.91 5.04 -14.31
CA LYS B 36 33.80 4.67 -15.42
C LYS B 36 32.98 3.95 -16.48
N ILE B 37 32.62 4.66 -17.54
CA ILE B 37 31.85 4.07 -18.62
C ILE B 37 32.72 3.17 -19.48
N GLU B 38 32.20 1.99 -19.83
CA GLU B 38 32.92 1.03 -20.67
C GLU B 38 32.48 1.19 -22.12
N GLN B 39 31.23 0.86 -22.42
CA GLN B 39 30.72 1.00 -23.79
C GLN B 39 29.21 1.09 -23.80
N VAL B 40 28.67 1.50 -24.95
CA VAL B 40 27.24 1.62 -25.13
C VAL B 40 26.66 0.22 -25.33
N ILE B 41 25.61 -0.11 -24.59
CA ILE B 41 24.98 -1.41 -24.72
C ILE B 41 23.54 -1.29 -25.15
N GLY B 42 23.01 -0.07 -25.10
CA GLY B 42 21.64 0.13 -25.51
C GLY B 42 21.28 1.59 -25.67
N ALA B 43 20.03 1.86 -25.97
CA ALA B 43 19.54 3.21 -26.16
C ALA B 43 18.27 3.46 -25.37
N GLY B 44 18.25 4.54 -24.60
CA GLY B 44 17.07 4.87 -23.81
C GLY B 44 16.25 5.98 -24.45
N GLU B 45 15.35 6.58 -23.67
CA GLU B 45 14.51 7.65 -24.18
C GLU B 45 15.17 9.01 -24.04
N PHE B 46 16.10 9.12 -23.10
CA PHE B 46 16.80 10.39 -22.89
C PHE B 46 18.28 10.30 -23.25
N GLY B 47 18.74 9.10 -23.63
CA GLY B 47 20.14 8.96 -23.99
C GLY B 47 20.57 7.52 -24.23
N GLU B 48 21.84 7.24 -23.97
CA GLU B 48 22.36 5.90 -24.17
C GLU B 48 22.53 5.14 -22.86
N VAL B 49 22.43 3.81 -22.96
CA VAL B 49 22.60 2.95 -21.80
C VAL B 49 23.95 2.29 -22.02
N CYS B 50 24.81 2.34 -21.00
CA CYS B 50 26.14 1.79 -21.07
C CYS B 50 26.49 0.86 -19.91
N SER B 51 27.58 0.12 -20.10
CA SER B 51 28.12 -0.77 -19.08
C SER B 51 29.26 0.01 -18.43
N GLY B 52 29.55 -0.23 -17.16
CA GLY B 52 30.62 0.51 -16.53
C GLY B 52 31.09 -0.04 -15.19
N HIS B 53 31.96 0.71 -14.53
CA HIS B 53 32.51 0.33 -13.23
C HIS B 53 32.26 1.45 -12.21
N LEU B 54 32.16 1.07 -10.94
CA LEU B 54 31.93 2.02 -9.86
C LEU B 54 32.69 1.59 -8.63
N LYS B 55 33.33 2.55 -7.96
CA LYS B 55 34.09 2.26 -6.73
C LYS B 55 33.92 3.39 -5.71
N ARG B 60 35.23 -1.86 -2.87
CA ARG B 60 35.46 -2.88 -3.91
C ARG B 60 34.73 -2.51 -5.19
N GLU B 61 35.48 -2.23 -6.25
CA GLU B 61 34.92 -1.87 -7.54
C GLU B 61 33.96 -2.96 -8.04
N ILE B 62 32.91 -2.55 -8.75
CA ILE B 62 31.94 -3.48 -9.29
C ILE B 62 31.38 -2.99 -10.61
N PHE B 63 30.76 -3.90 -11.37
CA PHE B 63 30.16 -3.55 -12.65
C PHE B 63 28.83 -2.83 -12.39
N VAL B 64 28.45 -1.94 -13.30
CA VAL B 64 27.19 -1.23 -13.16
C VAL B 64 26.66 -0.85 -14.52
N ALA B 65 25.37 -0.54 -14.56
CA ALA B 65 24.72 -0.08 -15.78
C ALA B 65 24.67 1.43 -15.60
N ILE B 66 24.90 2.17 -16.67
CA ILE B 66 24.92 3.64 -16.63
C ILE B 66 24.06 4.20 -17.75
N LYS B 67 23.10 5.05 -17.40
CA LYS B 67 22.24 5.65 -18.40
C LYS B 67 22.60 7.13 -18.41
N THR B 68 23.02 7.64 -19.56
CA THR B 68 23.42 9.03 -19.65
C THR B 68 22.34 9.89 -20.32
N LEU B 69 22.29 11.15 -19.90
CA LEU B 69 21.34 12.11 -20.45
C LEU B 69 22.12 12.89 -21.52
N LYS B 70 21.79 12.64 -22.79
CA LYS B 70 22.45 13.27 -23.94
C LYS B 70 23.31 14.51 -23.65
N SER B 71 22.77 15.68 -23.96
CA SER B 71 23.48 16.95 -23.73
C SER B 71 22.62 18.05 -24.31
N GLY B 72 22.65 19.22 -23.70
CA GLY B 72 21.83 20.31 -24.19
C GLY B 72 20.40 19.95 -23.88
N TYR B 73 20.22 19.16 -22.83
CA TYR B 73 18.92 18.69 -22.38
C TYR B 73 18.11 19.84 -21.77
N THR B 74 16.80 19.66 -21.73
CA THR B 74 15.91 20.67 -21.16
C THR B 74 15.74 20.31 -19.69
N GLU B 75 15.24 21.26 -18.89
CA GLU B 75 15.05 21.01 -17.46
C GLU B 75 14.07 19.88 -17.24
N LYS B 76 13.11 19.74 -18.16
CA LYS B 76 12.12 18.68 -18.07
C LYS B 76 12.77 17.32 -18.39
N GLN B 77 13.57 17.28 -19.45
CA GLN B 77 14.25 16.06 -19.85
C GLN B 77 15.01 15.53 -18.63
N ARG B 78 15.77 16.41 -18.00
CA ARG B 78 16.54 16.06 -16.82
C ARG B 78 15.64 15.60 -15.68
N ARG B 79 14.46 16.20 -15.57
CA ARG B 79 13.52 15.85 -14.51
C ARG B 79 12.89 14.48 -14.72
N ASP B 80 12.27 14.26 -15.87
CA ASP B 80 11.65 12.98 -16.17
C ASP B 80 12.68 11.85 -16.15
N PHE B 81 13.87 12.16 -16.64
CA PHE B 81 14.97 11.19 -16.68
C PHE B 81 15.35 10.85 -15.25
N LEU B 82 15.54 11.87 -14.42
CA LEU B 82 15.91 11.64 -13.04
C LEU B 82 14.79 11.07 -12.16
N SER B 83 13.56 11.12 -12.65
CA SER B 83 12.44 10.59 -11.86
C SER B 83 12.63 9.08 -11.67
N GLU B 84 13.23 8.44 -12.66
CA GLU B 84 13.49 7.01 -12.60
C GLU B 84 14.30 6.72 -11.34
N ALA B 85 15.22 7.63 -11.02
CA ALA B 85 16.07 7.46 -9.84
C ALA B 85 15.34 7.81 -8.54
N SER B 86 14.55 8.88 -8.57
CA SER B 86 13.80 9.28 -7.38
C SER B 86 12.75 8.24 -7.02
N ILE B 87 12.38 7.42 -8.00
CA ILE B 87 11.41 6.35 -7.75
C ILE B 87 12.15 5.07 -7.34
N MET B 88 13.07 4.62 -8.18
CA MET B 88 13.85 3.40 -7.90
C MET B 88 14.55 3.43 -6.56
N GLY B 89 15.04 4.61 -6.18
CA GLY B 89 15.76 4.74 -4.91
C GLY B 89 14.91 4.56 -3.66
N GLN B 90 13.60 4.52 -3.83
CA GLN B 90 12.68 4.34 -2.72
C GLN B 90 12.48 2.87 -2.38
N PHE B 91 12.97 2.01 -3.26
CA PHE B 91 12.81 0.57 -3.11
C PHE B 91 14.08 -0.18 -2.70
N ASP B 92 13.89 -1.29 -2.01
CA ASP B 92 15.00 -2.11 -1.56
C ASP B 92 14.48 -3.53 -1.45
N HIS B 93 14.64 -4.27 -2.55
CA HIS B 93 14.17 -5.64 -2.60
C HIS B 93 15.03 -6.39 -3.61
N PRO B 94 15.33 -7.67 -3.35
CA PRO B 94 16.15 -8.48 -4.26
C PRO B 94 15.63 -8.63 -5.68
N ASN B 95 14.34 -8.40 -5.89
CA ASN B 95 13.76 -8.54 -7.23
C ASN B 95 13.32 -7.24 -7.84
N VAL B 96 13.90 -6.15 -7.37
CA VAL B 96 13.62 -4.81 -7.88
C VAL B 96 14.99 -4.19 -8.14
N ILE B 97 15.22 -3.73 -9.36
CA ILE B 97 16.52 -3.15 -9.72
C ILE B 97 17.08 -2.17 -8.68
N HIS B 98 18.31 -2.39 -8.25
CA HIS B 98 18.98 -1.56 -7.25
C HIS B 98 19.63 -0.30 -7.82
N LEU B 99 19.32 0.83 -7.19
CA LEU B 99 19.89 2.10 -7.64
C LEU B 99 21.19 2.35 -6.89
N GLU B 100 22.28 2.56 -7.62
CA GLU B 100 23.57 2.83 -6.99
C GLU B 100 23.64 4.31 -6.67
N GLY B 101 23.25 5.13 -7.64
CA GLY B 101 23.28 6.56 -7.42
C GLY B 101 23.09 7.34 -8.71
N VAL B 102 23.27 8.65 -8.62
CA VAL B 102 23.12 9.52 -9.77
C VAL B 102 24.25 10.54 -9.85
N VAL B 103 24.38 11.15 -11.03
CA VAL B 103 25.41 12.15 -11.26
C VAL B 103 24.72 13.37 -11.85
N THR B 104 24.63 14.42 -11.05
CA THR B 104 24.00 15.68 -11.47
C THR B 104 24.96 16.84 -11.27
N LYS B 105 26.01 16.63 -10.51
CA LYS B 105 27.01 17.68 -10.26
C LYS B 105 27.85 17.89 -11.53
N SER B 106 27.76 16.95 -12.47
CA SER B 106 28.50 17.01 -13.72
C SER B 106 27.58 17.02 -14.93
N PRO B 108 28.37 13.89 -18.04
CA PRO B 108 27.01 14.43 -18.07
C PRO B 108 26.11 13.80 -17.00
N VAL B 109 24.80 14.06 -17.10
CA VAL B 109 23.83 13.53 -16.14
C VAL B 109 23.61 12.03 -16.40
N MET B 110 23.76 11.22 -15.35
CA MET B 110 23.58 9.78 -15.50
C MET B 110 23.00 9.08 -14.25
N ILE B 111 22.47 7.90 -14.47
CA ILE B 111 21.88 7.08 -13.42
C ILE B 111 22.67 5.77 -13.38
N ILE B 112 23.13 5.40 -12.19
CA ILE B 112 23.91 4.20 -12.04
C ILE B 112 23.13 3.12 -11.30
N THR B 113 23.01 1.95 -11.92
CA THR B 113 22.26 0.84 -11.34
C THR B 113 23.08 -0.46 -11.37
N GLU B 114 22.65 -1.47 -10.64
CA GLU B 114 23.38 -2.73 -10.64
C GLU B 114 23.43 -3.28 -12.04
N PHE B 115 24.54 -3.94 -12.38
CA PHE B 115 24.68 -4.50 -13.71
C PHE B 115 23.98 -5.85 -13.79
N MET B 116 23.17 -6.06 -14.82
CA MET B 116 22.44 -7.33 -14.99
C MET B 116 22.99 -7.95 -16.28
N GLU B 117 23.93 -8.88 -16.09
CA GLU B 117 24.62 -9.55 -17.18
C GLU B 117 23.76 -10.04 -18.33
N ASN B 118 22.62 -10.64 -18.01
CA ASN B 118 21.76 -11.17 -19.05
C ASN B 118 20.75 -10.22 -19.69
N GLY B 119 20.84 -8.95 -19.33
CA GLY B 119 19.95 -7.97 -19.93
C GLY B 119 18.47 -8.22 -19.74
N SER B 120 17.69 -7.81 -20.74
CA SER B 120 16.23 -7.94 -20.71
C SER B 120 15.72 -9.37 -20.86
N LEU B 121 14.77 -9.74 -20.00
CA LEU B 121 14.20 -11.08 -19.98
C LEU B 121 13.64 -11.59 -21.29
N ASP B 122 12.91 -10.77 -22.02
CA ASP B 122 12.33 -11.25 -23.28
C ASP B 122 13.40 -11.64 -24.30
N SER B 123 14.39 -10.77 -24.47
CA SER B 123 15.47 -11.05 -25.42
C SER B 123 16.32 -12.22 -24.90
N PHE B 124 16.56 -12.24 -23.59
CA PHE B 124 17.36 -13.32 -23.01
C PHE B 124 16.73 -14.68 -23.26
N LEU B 125 15.40 -14.75 -23.14
CA LEU B 125 14.70 -15.99 -23.38
C LEU B 125 14.72 -16.37 -24.86
N ARG B 126 14.59 -15.37 -25.74
CA ARG B 126 14.62 -15.65 -27.17
C ARG B 126 15.95 -16.26 -27.58
N GLN B 127 17.03 -15.76 -26.98
CA GLN B 127 18.38 -16.25 -27.27
C GLN B 127 18.63 -17.61 -26.63
N ASN B 128 17.70 -18.05 -25.79
CA ASN B 128 17.83 -19.31 -25.10
C ASN B 128 16.56 -20.13 -25.23
N ASP B 129 15.99 -20.10 -26.43
CA ASP B 129 14.75 -20.82 -26.69
C ASP B 129 14.84 -22.25 -26.19
N GLY B 130 13.86 -22.63 -25.38
CA GLY B 130 13.80 -23.97 -24.82
C GLY B 130 15.07 -24.45 -24.14
N GLN B 131 15.84 -23.54 -23.54
CA GLN B 131 17.09 -23.92 -22.90
C GLN B 131 17.06 -24.13 -21.39
N PHE B 132 15.95 -23.83 -20.75
CA PHE B 132 15.85 -23.95 -19.30
C PHE B 132 14.84 -24.99 -18.86
N THR B 133 14.98 -25.47 -17.63
CA THR B 133 14.04 -26.45 -17.09
C THR B 133 12.76 -25.72 -16.67
N VAL B 134 11.68 -26.48 -16.48
CA VAL B 134 10.41 -25.89 -16.06
C VAL B 134 10.58 -25.21 -14.70
N ILE B 135 11.34 -25.82 -13.80
CA ILE B 135 11.58 -25.24 -12.48
C ILE B 135 12.36 -23.92 -12.58
N GLN B 136 13.40 -23.90 -13.41
CA GLN B 136 14.18 -22.65 -13.60
C GLN B 136 13.25 -21.52 -14.06
N LEU B 137 12.35 -21.83 -15.01
CA LEU B 137 11.41 -20.82 -15.49
C LEU B 137 10.45 -20.38 -14.37
N VAL B 138 9.93 -21.33 -13.60
CA VAL B 138 9.04 -20.94 -12.50
C VAL B 138 9.80 -20.08 -11.49
N GLY B 139 11.09 -20.36 -11.33
CA GLY B 139 11.92 -19.59 -10.40
C GLY B 139 12.02 -18.14 -10.82
N MET B 140 12.02 -17.90 -12.13
CA MET B 140 12.09 -16.54 -12.66
C MET B 140 10.74 -15.86 -12.42
N LEU B 141 9.67 -16.59 -12.69
CA LEU B 141 8.32 -16.05 -12.48
C LEU B 141 8.08 -15.71 -11.02
N ARG B 142 8.65 -16.52 -10.14
CA ARG B 142 8.54 -16.33 -8.69
C ARG B 142 9.26 -15.06 -8.27
N GLY B 143 10.47 -14.88 -8.81
CA GLY B 143 11.25 -13.69 -8.51
C GLY B 143 10.53 -12.44 -8.92
N ILE B 144 9.98 -12.46 -10.14
CA ILE B 144 9.24 -11.31 -10.65
C ILE B 144 8.02 -11.07 -9.77
N ALA B 145 7.30 -12.14 -9.44
CA ALA B 145 6.11 -11.99 -8.63
C ALA B 145 6.44 -11.43 -7.25
N ALA B 146 7.61 -11.81 -6.73
CA ALA B 146 8.03 -11.32 -5.40
C ALA B 146 8.33 -9.83 -5.42
N GLY B 147 8.94 -9.36 -6.50
CA GLY B 147 9.26 -7.95 -6.63
C GLY B 147 7.98 -7.15 -6.85
N MET B 148 7.02 -7.74 -7.55
CA MET B 148 5.77 -7.05 -7.79
C MET B 148 4.98 -6.96 -6.47
N LYS B 149 5.05 -8.04 -5.68
CA LYS B 149 4.40 -8.08 -4.36
C LYS B 149 4.93 -6.92 -3.52
N TYR B 150 6.26 -6.77 -3.52
CA TYR B 150 6.94 -5.74 -2.77
C TYR B 150 6.50 -4.35 -3.22
N LEU B 151 6.34 -4.19 -4.52
CA LEU B 151 5.93 -2.91 -5.10
C LEU B 151 4.48 -2.62 -4.74
N ALA B 152 3.63 -3.63 -4.90
CA ALA B 152 2.23 -3.49 -4.56
C ALA B 152 2.11 -3.11 -3.09
N ASP B 153 2.86 -3.78 -2.22
CA ASP B 153 2.81 -3.45 -0.80
C ASP B 153 3.23 -2.00 -0.56
N MET B 154 4.21 -1.52 -1.33
CA MET B 154 4.69 -0.15 -1.22
C MET B 154 3.69 0.80 -1.88
N ASN B 155 2.59 0.24 -2.36
CA ASN B 155 1.57 1.02 -3.03
C ASN B 155 2.08 1.63 -4.34
N TYR B 156 2.92 0.89 -5.06
CA TYR B 156 3.43 1.39 -6.34
C TYR B 156 2.85 0.57 -7.48
N VAL B 157 2.11 1.21 -8.38
CA VAL B 157 1.55 0.52 -9.54
C VAL B 157 2.54 0.74 -10.68
N HIS B 158 3.06 -0.35 -11.25
CA HIS B 158 4.05 -0.26 -12.32
C HIS B 158 3.51 0.33 -13.63
N ARG B 159 2.39 -0.23 -14.08
CA ARG B 159 1.70 0.18 -15.31
C ARG B 159 2.32 -0.32 -16.62
N ASP B 160 3.57 -0.78 -16.59
CA ASP B 160 4.19 -1.25 -17.81
C ASP B 160 4.95 -2.55 -17.58
N LEU B 161 4.38 -3.41 -16.73
CA LEU B 161 4.97 -4.71 -16.43
C LEU B 161 4.99 -5.55 -17.70
N ALA B 162 6.17 -6.00 -18.07
CA ALA B 162 6.35 -6.79 -19.30
C ALA B 162 7.73 -7.44 -19.21
N ALA B 163 7.95 -8.51 -19.96
CA ALA B 163 9.23 -9.19 -19.89
C ALA B 163 10.39 -8.28 -20.28
N ARG B 164 10.19 -7.43 -21.28
CA ARG B 164 11.24 -6.51 -21.71
C ARG B 164 11.56 -5.55 -20.55
N ASN B 165 10.67 -5.44 -19.58
CA ASN B 165 10.97 -4.53 -18.49
C ASN B 165 11.51 -5.22 -17.24
N ILE B 166 11.86 -6.49 -17.40
CA ILE B 166 12.45 -7.30 -16.36
C ILE B 166 13.92 -7.55 -16.77
N LEU B 167 14.86 -7.40 -15.83
CA LEU B 167 16.28 -7.64 -16.11
C LEU B 167 16.72 -8.95 -15.46
N VAL B 168 17.73 -9.59 -16.06
CA VAL B 168 18.22 -10.88 -15.57
C VAL B 168 19.71 -10.84 -15.31
N ASN B 169 20.12 -11.30 -14.14
CA ASN B 169 21.53 -11.28 -13.80
C ASN B 169 22.19 -12.61 -14.16
N SER B 170 23.47 -12.74 -13.81
CA SER B 170 24.21 -13.96 -14.14
C SER B 170 23.66 -15.21 -13.49
N ASN B 171 23.00 -15.05 -12.33
CA ASN B 171 22.44 -16.19 -11.62
C ASN B 171 21.00 -16.43 -12.01
N LEU B 172 20.55 -15.76 -13.07
CA LEU B 172 19.19 -15.92 -13.56
C LEU B 172 18.15 -15.26 -12.68
N VAL B 173 18.59 -14.44 -11.73
CA VAL B 173 17.66 -13.74 -10.87
C VAL B 173 16.99 -12.67 -11.73
N CYS B 174 15.66 -12.58 -11.63
CA CYS B 174 14.90 -11.60 -12.39
C CYS B 174 14.47 -10.45 -11.49
N LYS B 175 14.66 -9.23 -11.99
CA LYS B 175 14.33 -8.03 -11.23
C LYS B 175 13.49 -7.04 -12.02
N VAL B 176 12.49 -6.45 -11.37
CA VAL B 176 11.64 -5.48 -12.05
C VAL B 176 12.40 -4.18 -12.32
N SER B 177 12.25 -3.64 -13.53
CA SER B 177 12.91 -2.37 -13.84
C SER B 177 11.90 -1.47 -14.54
N ASP B 178 12.38 -0.47 -15.28
CA ASP B 178 11.52 0.45 -16.02
C ASP B 178 10.66 1.30 -15.06
N PHE B 179 11.32 2.08 -14.22
CA PHE B 179 10.63 2.96 -13.28
C PHE B 179 10.61 4.40 -13.80
N PRO B 203 2.41 -1.90 -25.50
CA PRO B 203 1.97 -1.99 -24.11
C PRO B 203 0.49 -2.35 -23.99
N ILE B 204 -0.28 -2.04 -25.03
CA ILE B 204 -1.71 -2.34 -25.05
C ILE B 204 -1.96 -3.79 -24.71
N ARG B 205 -1.25 -4.69 -25.37
CA ARG B 205 -1.42 -6.12 -25.14
C ARG B 205 -0.88 -6.59 -23.79
N TRP B 206 -0.42 -5.65 -22.98
CA TRP B 206 0.11 -5.93 -21.65
C TRP B 206 -0.78 -5.25 -20.60
N THR B 207 -1.65 -4.37 -21.06
CA THR B 207 -2.54 -3.62 -20.19
C THR B 207 -3.94 -4.23 -20.03
N ALA B 208 -4.47 -4.20 -18.81
CA ALA B 208 -5.78 -4.76 -18.52
C ALA B 208 -6.91 -3.91 -19.11
N PRO B 209 -8.06 -4.52 -19.39
CA PRO B 209 -9.24 -3.84 -19.97
C PRO B 209 -9.64 -2.56 -19.26
N GLU B 210 -9.90 -2.64 -17.96
CA GLU B 210 -10.32 -1.46 -17.20
C GLU B 210 -9.24 -0.38 -17.19
N ALA B 211 -7.98 -0.78 -17.39
CA ALA B 211 -6.88 0.18 -17.39
C ALA B 211 -6.84 0.95 -18.69
N ILE B 212 -7.27 0.31 -19.77
CA ILE B 212 -7.28 0.95 -21.07
C ILE B 212 -8.57 1.74 -21.30
N GLN B 213 -9.69 1.11 -20.95
CA GLN B 213 -11.00 1.73 -21.14
C GLN B 213 -11.23 2.93 -20.23
N TYR B 214 -11.03 2.76 -18.93
CA TYR B 214 -11.24 3.84 -17.98
C TYR B 214 -9.95 4.42 -17.41
N ARG B 215 -8.81 4.03 -18.00
CA ARG B 215 -7.51 4.53 -17.56
C ARG B 215 -7.30 4.34 -16.05
N LYS B 216 -7.86 3.27 -15.50
CA LYS B 216 -7.71 2.97 -14.09
C LYS B 216 -6.60 1.95 -13.88
N PHE B 217 -5.46 2.40 -13.36
CA PHE B 217 -4.32 1.53 -13.11
C PHE B 217 -4.18 1.22 -11.64
N THR B 218 -4.07 -0.07 -11.33
CA THR B 218 -3.92 -0.53 -9.95
C THR B 218 -3.08 -1.79 -9.92
N SER B 219 -2.74 -2.26 -8.73
CA SER B 219 -1.94 -3.48 -8.66
C SER B 219 -2.70 -4.64 -9.29
N ALA B 220 -4.04 -4.56 -9.30
CA ALA B 220 -4.82 -5.62 -9.91
C ALA B 220 -4.59 -5.52 -11.41
N SER B 221 -4.39 -4.29 -11.87
CA SER B 221 -4.11 -4.06 -13.28
C SER B 221 -2.73 -4.67 -13.59
N ASP B 222 -1.80 -4.53 -12.66
CA ASP B 222 -0.46 -5.08 -12.85
C ASP B 222 -0.50 -6.61 -12.91
N VAL B 223 -1.37 -7.23 -12.11
CA VAL B 223 -1.50 -8.68 -12.11
C VAL B 223 -1.85 -9.20 -13.51
N TRP B 224 -2.71 -8.47 -14.23
CA TRP B 224 -3.07 -8.88 -15.59
C TRP B 224 -1.78 -8.85 -16.43
N SER B 225 -0.99 -7.81 -16.25
CA SER B 225 0.27 -7.66 -16.97
C SER B 225 1.20 -8.82 -16.61
N TYR B 226 1.21 -9.17 -15.32
CA TYR B 226 2.05 -10.27 -14.84
C TYR B 226 1.66 -11.55 -15.55
N GLY B 227 0.36 -11.72 -15.77
CA GLY B 227 -0.12 -12.90 -16.46
C GLY B 227 0.49 -12.95 -17.85
N ILE B 228 0.51 -11.82 -18.54
CA ILE B 228 1.08 -11.76 -19.87
C ILE B 228 2.57 -12.13 -19.81
N VAL B 229 3.27 -11.62 -18.80
CA VAL B 229 4.68 -11.92 -18.59
C VAL B 229 4.88 -13.42 -18.40
N MET B 230 3.96 -14.06 -17.68
CA MET B 230 4.05 -15.49 -17.48
C MET B 230 4.03 -16.19 -18.84
N TRP B 231 3.12 -15.75 -19.69
CA TRP B 231 3.00 -16.34 -21.03
C TRP B 231 4.31 -16.10 -21.80
N GLU B 232 4.82 -14.88 -21.75
CA GLU B 232 6.06 -14.53 -22.44
C GLU B 232 7.20 -15.44 -21.99
N VAL B 233 7.27 -15.65 -20.68
CA VAL B 233 8.31 -16.50 -20.14
C VAL B 233 8.13 -17.95 -20.58
N MET B 234 6.91 -18.48 -20.52
CA MET B 234 6.71 -19.87 -20.91
C MET B 234 6.88 -20.07 -22.42
N SER B 235 6.73 -18.99 -23.17
CA SER B 235 6.88 -19.02 -24.62
C SER B 235 8.30 -18.62 -25.02
N TYR B 236 9.18 -18.47 -24.05
CA TYR B 236 10.55 -18.07 -24.33
C TYR B 236 10.68 -16.79 -25.16
N GLY B 237 9.98 -15.74 -24.73
CA GLY B 237 10.09 -14.45 -25.38
C GLY B 237 9.21 -14.18 -26.59
N GLU B 238 8.27 -15.07 -26.87
CA GLU B 238 7.39 -14.83 -28.01
C GLU B 238 6.62 -13.57 -27.70
N ARG B 239 6.20 -12.86 -28.75
CA ARG B 239 5.44 -11.63 -28.59
C ARG B 239 3.99 -11.98 -28.25
N PRO B 240 3.43 -11.35 -27.21
CA PRO B 240 2.05 -11.61 -26.81
C PRO B 240 1.06 -11.33 -27.94
N TYR B 241 0.21 -12.30 -28.24
CA TYR B 241 -0.80 -12.18 -29.29
C TYR B 241 -0.17 -12.12 -30.67
N TRP B 242 1.09 -12.52 -30.73
CA TRP B 242 1.84 -12.55 -31.99
C TRP B 242 1.71 -11.27 -32.82
N ASP B 243 1.41 -11.44 -34.10
CA ASP B 243 1.28 -10.32 -35.03
C ASP B 243 0.05 -9.44 -34.83
N MET B 244 -0.96 -9.96 -34.12
CA MET B 244 -2.18 -9.19 -33.88
C MET B 244 -1.91 -7.73 -33.60
N THR B 245 -2.84 -6.87 -34.02
CA THR B 245 -2.71 -5.44 -33.82
C THR B 245 -3.41 -5.02 -32.53
N ASN B 246 -3.13 -3.81 -32.07
CA ASN B 246 -3.74 -3.31 -30.85
C ASN B 246 -5.25 -3.12 -31.05
N ASP B 248 -7.36 -5.58 -32.68
CA ASP B 248 -7.40 -7.03 -32.68
C ASP B 248 -7.31 -7.59 -31.27
N VAL B 249 -6.29 -7.17 -30.52
CA VAL B 249 -6.10 -7.65 -29.17
C VAL B 249 -7.21 -7.13 -28.25
N ILE B 250 -7.44 -5.82 -28.30
CA ILE B 250 -8.47 -5.20 -27.49
C ILE B 250 -9.82 -5.82 -27.79
N ASN B 251 -10.10 -6.02 -29.08
CA ASN B 251 -11.36 -6.61 -29.50
C ASN B 251 -11.44 -8.06 -29.04
N ALA B 252 -10.34 -8.80 -29.20
CA ALA B 252 -10.29 -10.20 -28.79
C ALA B 252 -10.57 -10.34 -27.30
N ILE B 253 -9.98 -9.47 -26.50
CA ILE B 253 -10.17 -9.49 -25.06
C ILE B 253 -11.63 -9.30 -24.72
N GLU B 254 -12.32 -8.51 -25.54
CA GLU B 254 -13.74 -8.26 -25.35
C GLU B 254 -14.53 -9.54 -25.63
N GLN B 255 -14.13 -10.26 -26.68
CA GLN B 255 -14.79 -11.50 -27.07
C GLN B 255 -14.41 -12.63 -26.12
N ASP B 256 -13.89 -12.26 -24.95
CA ASP B 256 -13.48 -13.22 -23.94
C ASP B 256 -12.37 -14.15 -24.44
N TYR B 257 -11.52 -13.64 -25.32
CA TYR B 257 -10.40 -14.43 -25.84
C TYR B 257 -9.22 -14.37 -24.86
N ARG B 258 -8.51 -15.47 -24.71
CA ARG B 258 -7.36 -15.55 -23.82
C ARG B 258 -6.25 -16.40 -24.44
N LEU B 259 -5.01 -15.92 -24.33
CA LEU B 259 -3.87 -16.62 -24.89
C LEU B 259 -3.81 -18.09 -24.46
N PRO B 260 -3.56 -18.98 -25.42
CA PRO B 260 -3.47 -20.42 -25.16
C PRO B 260 -2.20 -20.77 -24.43
N PRO B 261 -2.13 -22.00 -23.88
CA PRO B 261 -0.93 -22.41 -23.16
C PRO B 261 0.26 -22.60 -24.10
N PRO B 262 1.43 -22.04 -23.73
CA PRO B 262 2.62 -22.18 -24.56
C PRO B 262 2.98 -23.66 -24.72
N MET B 263 3.85 -23.97 -25.66
CA MET B 263 4.27 -25.35 -25.91
C MET B 263 5.00 -25.93 -24.71
N ASP B 264 4.59 -27.12 -24.28
CA ASP B 264 5.22 -27.78 -23.14
C ASP B 264 4.97 -27.03 -21.82
N CYS B 265 3.99 -26.13 -21.82
CA CYS B 265 3.67 -25.39 -20.61
C CYS B 265 2.73 -26.17 -19.69
N PRO B 266 3.12 -26.34 -18.42
CA PRO B 266 2.29 -27.07 -17.46
C PRO B 266 0.89 -26.46 -17.37
N SER B 267 -0.11 -27.33 -17.26
CA SER B 267 -1.51 -26.90 -17.16
C SER B 267 -1.75 -25.96 -15.98
N ALA B 268 -1.11 -26.25 -14.86
CA ALA B 268 -1.26 -25.44 -13.66
C ALA B 268 -0.81 -24.00 -13.93
N LEU B 269 0.28 -23.84 -14.67
CA LEU B 269 0.79 -22.51 -15.00
C LEU B 269 -0.15 -21.70 -15.88
N HIS B 270 -0.74 -22.34 -16.88
CA HIS B 270 -1.65 -21.61 -17.75
C HIS B 270 -2.88 -21.21 -16.96
N GLN B 271 -3.30 -22.08 -16.04
CA GLN B 271 -4.47 -21.78 -15.24
C GLN B 271 -4.20 -20.52 -14.46
N LEU B 272 -2.99 -20.41 -13.92
CA LEU B 272 -2.61 -19.22 -13.16
C LEU B 272 -2.67 -17.99 -14.06
N MET B 273 -2.33 -18.16 -15.34
CA MET B 273 -2.39 -17.04 -16.28
C MET B 273 -3.85 -16.64 -16.45
N LEU B 274 -4.71 -17.62 -16.67
CA LEU B 274 -6.13 -17.33 -16.84
C LEU B 274 -6.65 -16.57 -15.61
N ASP B 275 -6.22 -17.00 -14.43
CA ASP B 275 -6.62 -16.34 -13.19
C ASP B 275 -6.24 -14.85 -13.21
N CYS B 276 -5.03 -14.55 -13.67
CA CYS B 276 -4.56 -13.17 -13.74
C CYS B 276 -5.32 -12.36 -14.77
N TRP B 277 -5.88 -13.06 -15.76
CA TRP B 277 -6.62 -12.39 -16.83
C TRP B 277 -8.14 -12.38 -16.61
N GLN B 278 -8.55 -12.24 -15.36
CA GLN B 278 -9.98 -12.19 -15.04
C GLN B 278 -10.51 -10.82 -15.40
N LYS B 279 -11.62 -10.79 -16.14
CA LYS B 279 -12.25 -9.53 -16.54
C LYS B 279 -12.39 -8.59 -15.36
N ASP B 280 -12.94 -9.10 -14.27
CA ASP B 280 -13.12 -8.28 -13.07
C ASP B 280 -11.85 -8.33 -12.26
N ARG B 281 -11.18 -7.19 -12.17
CA ARG B 281 -9.93 -7.09 -11.45
C ARG B 281 -10.02 -7.60 -10.02
N ASN B 282 -11.21 -7.55 -9.44
CA ASN B 282 -11.42 -8.00 -8.07
C ASN B 282 -11.25 -9.51 -7.93
N HIS B 283 -11.50 -10.26 -9.01
CA HIS B 283 -11.36 -11.71 -8.97
C HIS B 283 -9.94 -12.18 -9.31
N ARG B 284 -9.10 -11.27 -9.79
CA ARG B 284 -7.73 -11.61 -10.13
C ARG B 284 -6.95 -11.84 -8.84
N PRO B 285 -6.04 -12.83 -8.84
CA PRO B 285 -5.27 -13.09 -7.62
C PRO B 285 -4.31 -11.95 -7.28
N LYS B 286 -3.94 -11.83 -6.01
CA LYS B 286 -3.02 -10.79 -5.55
C LYS B 286 -1.58 -11.31 -5.73
N PHE B 287 -0.61 -10.42 -5.85
CA PHE B 287 0.77 -10.89 -6.01
C PHE B 287 1.18 -11.83 -4.87
N GLY B 288 0.66 -11.58 -3.67
CA GLY B 288 0.96 -12.42 -2.53
C GLY B 288 0.54 -13.86 -2.81
N GLN B 289 -0.65 -14.02 -3.38
CA GLN B 289 -1.18 -15.33 -3.73
C GLN B 289 -0.38 -15.94 -4.88
N ILE B 290 0.00 -15.11 -5.82
CA ILE B 290 0.78 -15.60 -6.96
C ILE B 290 2.05 -16.26 -6.47
N VAL B 291 2.77 -15.56 -5.59
CA VAL B 291 4.01 -16.06 -5.03
C VAL B 291 3.78 -17.39 -4.33
N ASN B 292 2.75 -17.44 -3.49
CA ASN B 292 2.40 -18.65 -2.74
C ASN B 292 2.18 -19.84 -3.67
N THR B 293 1.43 -19.60 -4.74
CA THR B 293 1.15 -20.65 -5.73
C THR B 293 2.44 -21.12 -6.41
N LEU B 294 3.27 -20.17 -6.82
CA LEU B 294 4.52 -20.52 -7.50
C LEU B 294 5.43 -21.29 -6.54
N ASP B 295 5.47 -20.86 -5.29
CA ASP B 295 6.26 -21.55 -4.27
C ASP B 295 5.76 -22.97 -4.04
N LYS B 296 4.45 -23.19 -4.24
CA LYS B 296 3.86 -24.51 -4.02
C LYS B 296 4.27 -25.44 -5.16
N MET B 297 4.21 -24.91 -6.37
CA MET B 297 4.59 -25.67 -7.55
C MET B 297 6.04 -26.13 -7.42
N ILE B 298 6.90 -25.22 -7.00
CA ILE B 298 8.31 -25.58 -6.82
C ILE B 298 8.43 -26.68 -5.78
N ARG B 299 7.65 -26.56 -4.71
CA ARG B 299 7.64 -27.56 -3.62
C ARG B 299 7.14 -28.91 -4.11
N ASN B 300 6.11 -28.88 -4.96
CA ASN B 300 5.53 -30.10 -5.50
C ASN B 300 5.69 -30.10 -7.01
N PRO B 301 6.89 -30.45 -7.48
CA PRO B 301 7.23 -30.50 -8.92
C PRO B 301 6.25 -31.32 -9.76
N ASN B 302 5.63 -32.33 -9.15
CA ASN B 302 4.68 -33.15 -9.87
C ASN B 302 3.47 -32.37 -10.34
N SER B 303 3.15 -31.28 -9.63
CA SER B 303 2.02 -30.45 -10.00
C SER B 303 2.26 -29.82 -11.36
N LEU B 304 3.50 -29.81 -11.79
CA LEU B 304 3.86 -29.22 -13.07
C LEU B 304 3.77 -30.25 -14.20
N LYS B 305 3.83 -31.53 -13.85
CA LYS B 305 3.76 -32.60 -14.85
C LYS B 305 2.50 -32.48 -15.68
N9 ANP C . 0.98 7.48 11.29
C8 ANP C . 0.17 8.22 12.13
N7 ANP C . 0.28 7.93 13.39
C5 ANP C . 1.22 6.94 13.41
C6 ANP C . 1.78 6.21 14.46
N6 ANP C . 1.42 6.42 15.72
N1 ANP C . 2.72 5.28 14.10
C2 ANP C . 3.04 5.12 12.81
N3 ANP C . 2.59 5.74 11.74
C4 ANP C . 1.66 6.65 12.13
N9 ANP D . 20.07 -2.33 -19.76
C8 ANP D . 19.35 -1.46 -18.98
N7 ANP D . 19.60 -1.57 -17.71
C5 ANP D . 20.52 -2.56 -17.64
C6 ANP D . 21.21 -3.14 -16.55
N6 ANP D . 20.97 -2.73 -15.29
N1 ANP D . 22.09 -4.12 -16.86
C2 ANP D . 22.29 -4.48 -18.15
N3 ANP D . 21.72 -4.02 -19.24
C4 ANP D . 20.84 -3.03 -18.89
#